data_6ZUM
#
_entry.id   6ZUM
#
_cell.length_a   51.057
_cell.length_b   51.057
_cell.length_c   102.477
_cell.angle_alpha   90.000
_cell.angle_beta   90.000
_cell.angle_gamma   120.000
#
_symmetry.space_group_name_H-M   'H 3'
#
loop_
_entity.id
_entity.type
_entity.pdbx_description
1 polymer 'Fucose-binding lectin protein'
2 non-polymer beta-D-fructopyranose
3 non-polymer 'ACETATE ION'
4 non-polymer 'ZINC ION'
5 non-polymer cucurbit[7]uril
6 non-polymer 'SODIUM ION'
7 water water
#
_entity_poly.entity_id   1
_entity_poly.type   'polypeptide(L)'
_entity_poly.pdbx_seq_one_letter_code
;(SNM)SVQTAATSWGTVPSIRVYTANHG(MLY)ITERCWDG(MLY)GWYTGAFNEPGDNVSVTSWLVGSAIHIRVYASTG
TTTTEWCWDGNGWT(MLY)GAYTATN
;
_entity_poly.pdbx_strand_id   A
#
loop_
_chem_comp.id
_chem_comp.type
_chem_comp.name
_chem_comp.formula
ACT non-polymer 'ACETATE ION' 'C2 H3 O2 -1'
BDF D-saccharide, beta linking beta-D-fructopyranose 'C6 H12 O6'
NA non-polymer 'SODIUM ION' 'Na 1'
QQ7 non-polymer cucurbit[7]uril 'C42 H42 N28 O14'
ZN non-polymer 'ZINC ION' 'Zn 2'
#
# COMPACT_ATOMS: atom_id res chain seq x y z
N SNM A 1 4.53 12.29 19.23
CA SNM A 1 3.86 12.27 17.92
CB SNM A 1 4.58 13.16 16.91
OG SNM A 1 3.93 13.08 15.63
C SNM A 1 3.83 10.84 17.43
O SNM A 1 3.99 9.93 18.25
C1 SNM A 1 4.50 13.65 19.79
C2 SNM A 1 5.91 11.84 19.05
N SER A 2 3.65 10.61 16.12
CA SER A 2 3.69 9.23 15.66
C SER A 2 3.68 9.02 14.15
N VAL A 3 4.08 7.81 13.76
CA VAL A 3 4.00 7.34 12.38
C VAL A 3 2.52 7.27 12.01
N GLN A 4 2.23 7.10 10.72
CA GLN A 4 0.87 7.05 10.24
C GLN A 4 0.71 5.79 9.40
N THR A 5 -0.40 5.05 9.61
CA THR A 5 -0.52 3.79 8.90
C THR A 5 -1.81 3.73 8.09
N ALA A 6 -1.81 2.74 7.20
CA ALA A 6 -3.00 2.34 6.47
C ALA A 6 -2.95 0.83 6.31
N ALA A 7 -4.12 0.20 6.24
CA ALA A 7 -4.19 -1.25 6.20
C ALA A 7 -5.26 -1.74 5.25
N THR A 8 -5.00 -2.89 4.63
CA THR A 8 -5.98 -3.56 3.78
C THR A 8 -5.85 -5.06 3.99
N SER A 9 -6.90 -5.80 3.63
CA SER A 9 -6.87 -7.27 3.74
C SER A 9 -7.76 -7.87 2.67
N TRP A 10 -7.55 -9.17 2.37
CA TRP A 10 -8.42 -9.83 1.42
C TRP A 10 -8.49 -11.33 1.70
N GLY A 11 -9.54 -11.93 1.15
CA GLY A 11 -9.72 -13.35 1.31
C GLY A 11 -10.16 -13.72 2.71
N THR A 12 -10.05 -15.03 2.99
CA THR A 12 -10.47 -15.58 4.27
C THR A 12 -9.31 -16.07 5.12
N VAL A 13 -8.09 -16.11 4.58
CA VAL A 13 -6.97 -16.56 5.40
C VAL A 13 -6.83 -15.64 6.62
N PRO A 14 -6.71 -14.32 6.46
CA PRO A 14 -6.61 -13.47 5.28
C PRO A 14 -5.16 -13.15 4.94
N SER A 15 -4.97 -12.47 3.82
CA SER A 15 -3.75 -11.70 3.61
C SER A 15 -4.00 -10.28 4.12
N ILE A 16 -2.99 -9.70 4.75
CA ILE A 16 -3.06 -8.35 5.30
C ILE A 16 -1.85 -7.57 4.83
N ARG A 17 -2.04 -6.28 4.49
CA ARG A 17 -0.92 -5.40 4.21
C ARG A 17 -1.07 -4.14 5.05
N VAL A 18 0.02 -3.73 5.70
CA VAL A 18 0.06 -2.56 6.58
C VAL A 18 1.16 -1.63 6.09
N TYR A 19 0.78 -0.41 5.71
CA TYR A 19 1.72 0.57 5.17
C TYR A 19 1.99 1.59 6.27
N THR A 20 3.27 1.95 6.47
CA THR A 20 3.64 2.90 7.51
C THR A 20 4.43 4.07 6.90
N ALA A 21 3.97 5.29 7.15
CA ALA A 21 4.65 6.49 6.71
C ALA A 21 5.46 7.03 7.87
N ASN A 22 6.78 7.18 7.67
CA ASN A 22 7.63 7.78 8.68
C ASN A 22 8.79 8.51 8.01
N HIS A 23 8.88 9.53 8.35
CA HIS A 23 9.89 10.46 7.76
C HIS A 23 9.86 10.44 6.23
N GLY A 24 8.83 10.77 5.79
CA GLY A 24 8.66 10.92 4.35
C GLY A 24 8.90 9.66 3.55
N MLY A 25 9.00 8.52 4.23
CA MLY A 25 9.12 7.22 3.55
CB MLY A 25 10.49 6.59 3.81
CG MLY A 25 11.69 7.40 3.31
CD MLY A 25 11.76 7.48 1.78
CE MLY A 25 13.15 7.95 1.33
NZ MLY A 25 13.12 8.75 0.05
CH1 MLY A 25 14.39 9.48 -0.03
CH2 MLY A 25 13.13 7.80 -1.07
C MLY A 25 8.03 6.24 3.98
O MLY A 25 7.79 6.06 5.17
N ILE A 26 7.40 5.61 3.00
CA ILE A 26 6.42 4.56 3.29
C ILE A 26 7.01 3.17 3.05
N THR A 27 6.86 2.27 4.02
CA THR A 27 7.21 0.87 3.86
C THR A 27 6.01 -0.01 4.16
N GLU A 28 6.15 -1.31 3.88
CA GLU A 28 5.04 -2.25 3.84
C GLU A 28 5.39 -3.52 4.60
N ARG A 29 4.48 -3.99 5.46
CA ARG A 29 4.59 -5.29 6.10
C ARG A 29 3.41 -6.16 5.69
N CYS A 30 3.64 -7.46 5.63
CA CYS A 30 2.76 -8.40 4.95
C CYS A 30 2.49 -9.62 5.83
N TRP A 31 1.25 -10.09 5.83
CA TRP A 31 0.86 -11.31 6.50
C TRP A 31 0.09 -12.14 5.50
N ASP A 32 0.49 -13.41 5.33
CA ASP A 32 -0.21 -14.32 4.43
C ASP A 32 -0.68 -15.58 5.15
N GLY A 33 -0.71 -15.58 6.47
CA GLY A 33 -1.25 -16.70 7.20
C GLY A 33 -0.24 -17.36 8.10
N MLY A 34 1.03 -17.03 7.91
CA MLY A 34 2.08 -17.72 8.63
CB MLY A 34 3.07 -18.32 7.63
CG MLY A 34 4.19 -19.13 8.24
CD MLY A 34 4.93 -19.80 7.10
CE MLY A 34 6.03 -20.68 7.59
NZ MLY A 34 7.07 -19.91 8.30
CH1 MLY A 34 8.08 -20.91 8.67
CH2 MLY A 34 7.71 -19.05 7.30
C MLY A 34 2.78 -16.78 9.59
O MLY A 34 2.84 -17.04 10.79
N GLY A 35 3.31 -15.70 9.06
CA GLY A 35 3.94 -14.70 9.88
C GLY A 35 4.06 -13.44 9.07
N TRP A 36 4.58 -12.39 9.71
CA TRP A 36 4.77 -11.09 9.08
C TRP A 36 6.15 -11.00 8.41
N TYR A 37 6.18 -10.33 7.26
CA TYR A 37 7.43 -10.14 6.53
C TYR A 37 7.36 -8.82 5.78
N THR A 38 8.50 -8.33 5.34
CA THR A 38 8.55 -7.04 4.67
C THR A 38 8.21 -7.19 3.18
N GLY A 39 7.35 -6.30 2.68
CA GLY A 39 6.95 -6.34 1.30
C GLY A 39 7.81 -5.46 0.41
N ALA A 40 7.52 -5.53 -0.89
CA ALA A 40 8.33 -4.82 -1.86
C ALA A 40 8.10 -3.31 -1.88
N PHE A 41 6.95 -2.84 -1.40
CA PHE A 41 6.62 -1.42 -1.57
C PHE A 41 7.51 -0.55 -0.71
N ASN A 42 8.15 0.45 -1.36
CA ASN A 42 9.01 1.39 -0.65
C ASN A 42 9.06 2.67 -1.49
N GLU A 43 8.28 3.68 -1.09
CA GLU A 43 8.18 4.90 -1.87
C GLU A 43 8.00 6.08 -0.93
N PRO A 44 8.30 7.29 -1.38
CA PRO A 44 8.20 8.46 -0.49
C PRO A 44 6.77 8.81 -0.17
N GLY A 45 6.57 9.32 1.04
CA GLY A 45 5.27 9.84 1.43
C GLY A 45 5.23 10.22 2.90
N ASP A 46 4.62 11.36 3.19
CA ASP A 46 4.31 11.72 4.56
C ASP A 46 2.99 11.13 5.01
N ASN A 47 2.11 10.84 4.07
CA ASN A 47 0.78 10.33 4.36
C ASN A 47 0.46 9.18 3.40
N VAL A 48 -0.35 8.23 3.87
CA VAL A 48 -0.67 7.07 3.06
C VAL A 48 -2.11 6.61 3.29
N SER A 49 -2.78 6.22 2.20
CA SER A 49 -4.04 5.50 2.27
C SER A 49 -3.95 4.37 1.27
N VAL A 50 -4.83 3.38 1.42
CA VAL A 50 -4.80 2.19 0.56
C VAL A 50 -6.21 1.63 0.33
N THR A 51 -6.41 1.02 -0.84
CA THR A 51 -7.60 0.21 -1.10
C THR A 51 -7.17 -0.98 -1.96
N SER A 52 -7.96 -2.06 -1.94
CA SER A 52 -7.62 -3.22 -2.76
C SER A 52 -8.89 -3.98 -3.16
N TRP A 53 -8.79 -4.77 -4.21
CA TRP A 53 -9.94 -5.54 -4.69
C TRP A 53 -9.46 -6.81 -5.38
N LEU A 54 -10.33 -7.81 -5.36
CA LEU A 54 -10.07 -9.12 -5.95
C LEU A 54 -10.73 -9.23 -7.31
N VAL A 55 -10.06 -9.93 -8.21
CA VAL A 55 -10.69 -10.50 -9.39
C VAL A 55 -10.50 -12.00 -9.23
N GLY A 56 -11.59 -12.72 -9.00
CA GLY A 56 -11.46 -14.09 -8.56
C GLY A 56 -10.59 -14.14 -7.33
N SER A 57 -9.37 -14.67 -7.47
CA SER A 57 -8.44 -14.77 -6.34
C SER A 57 -7.19 -13.92 -6.52
N ALA A 58 -7.16 -13.03 -7.52
CA ALA A 58 -6.01 -12.17 -7.77
C ALA A 58 -6.24 -10.81 -7.13
N ILE A 59 -5.26 -10.33 -6.36
CA ILE A 59 -5.37 -9.05 -5.65
C ILE A 59 -4.83 -7.92 -6.52
N HIS A 60 -5.48 -6.77 -6.40
CA HIS A 60 -5.03 -5.49 -6.95
C HIS A 60 -5.02 -4.49 -5.81
N ILE A 61 -3.93 -3.74 -5.70
CA ILE A 61 -3.74 -2.79 -4.60
C ILE A 61 -3.45 -1.42 -5.18
N ARG A 62 -4.05 -0.39 -4.57
CA ARG A 62 -3.73 0.99 -4.91
C ARG A 62 -3.31 1.71 -3.64
N VAL A 63 -2.12 2.29 -3.65
CA VAL A 63 -1.58 3.02 -2.50
C VAL A 63 -1.44 4.48 -2.88
N TYR A 64 -2.00 5.37 -2.06
CA TYR A 64 -1.98 6.79 -2.37
C TYR A 64 -1.02 7.45 -1.40
N ALA A 65 0.13 7.88 -1.91
CA ALA A 65 1.21 8.44 -1.13
C ALA A 65 1.24 9.93 -1.37
N SER A 66 1.19 10.71 -0.29
CA SER A 66 1.15 12.15 -0.42
C SER A 66 2.35 12.78 0.27
N THR A 67 2.99 13.72 -0.42
CA THR A 67 4.04 14.55 0.15
C THR A 67 3.69 15.98 -0.18
N GLY A 68 3.64 16.84 0.84
CA GLY A 68 3.08 18.16 0.64
C GLY A 68 1.70 18.05 0.04
N THR A 69 1.51 18.65 -1.12
CA THR A 69 0.24 18.62 -1.83
C THR A 69 0.24 17.69 -3.02
N THR A 70 1.24 16.82 -3.15
CA THR A 70 1.33 15.95 -4.30
C THR A 70 1.02 14.52 -3.89
N THR A 71 -0.02 13.95 -4.48
CA THR A 71 -0.47 12.58 -4.21
C THR A 71 -0.15 11.72 -5.42
N THR A 72 0.66 10.70 -5.20
CA THR A 72 1.07 9.73 -6.22
C THR A 72 0.34 8.41 -5.96
N GLU A 73 -0.31 7.87 -6.99
CA GLU A 73 -0.93 6.56 -6.87
C GLU A 73 0.07 5.49 -7.30
N TRP A 74 0.16 4.42 -6.51
CA TRP A 74 1.02 3.29 -6.82
C TRP A 74 0.16 2.05 -6.99
N CYS A 75 0.43 1.28 -8.07
CA CYS A 75 -0.40 0.17 -8.52
C CYS A 75 0.32 -1.15 -8.38
N TRP A 76 -0.34 -2.12 -7.76
CA TRP A 76 0.08 -3.52 -7.76
C TRP A 76 -1.02 -4.35 -8.41
N ASP A 77 -0.73 -4.93 -9.57
CA ASP A 77 -1.67 -5.79 -10.26
C ASP A 77 -1.19 -7.23 -10.31
N GLY A 78 -0.15 -7.56 -9.55
CA GLY A 78 0.38 -8.90 -9.45
C GLY A 78 1.80 -9.03 -9.94
N ASN A 79 2.43 -7.98 -10.44
CA ASN A 79 3.75 -8.12 -11.06
C ASN A 79 4.54 -6.82 -10.96
N GLY A 80 4.68 -6.30 -9.75
CA GLY A 80 5.50 -5.12 -9.56
C GLY A 80 4.66 -3.87 -9.35
N TRP A 81 5.24 -2.92 -8.61
CA TRP A 81 4.59 -1.63 -8.35
C TRP A 81 4.92 -0.64 -9.45
N THR A 82 3.90 0.08 -9.92
CA THR A 82 4.13 1.13 -10.91
C THR A 82 3.28 2.35 -10.59
N MLY A 83 3.62 3.52 -11.12
CA MLY A 83 2.79 4.69 -10.88
CB MLY A 83 3.51 5.97 -11.25
CG MLY A 83 4.74 6.29 -10.43
CD MLY A 83 5.30 7.66 -10.80
CE MLY A 83 6.50 8.03 -9.93
NZ MLY A 83 7.23 9.22 -10.42
CH1 MLY A 83 6.25 10.32 -10.45
CH2 MLY A 83 8.21 9.56 -9.39
C MLY A 83 1.50 4.57 -11.68
O MLY A 83 1.51 4.19 -12.84
N GLY A 84 0.38 4.92 -11.05
CA GLY A 84 -0.90 4.89 -11.74
C GLY A 84 -1.32 6.25 -12.28
N ALA A 85 -2.48 6.30 -12.93
CA ALA A 85 -2.92 7.49 -13.63
C ALA A 85 -3.51 8.57 -12.72
N TYR A 86 -3.74 8.27 -11.44
CA TYR A 86 -4.40 9.22 -10.57
C TYR A 86 -3.76 10.59 -10.67
N THR A 87 -4.61 11.62 -10.80
CA THR A 87 -4.26 13.00 -10.55
C THR A 87 -5.32 13.64 -9.65
N ALA A 88 -4.91 14.69 -8.94
CA ALA A 88 -5.82 15.39 -8.04
C ALA A 88 -6.62 16.50 -8.72
N THR A 89 -6.19 16.99 -9.88
CA THR A 89 -7.00 17.99 -10.60
C THR A 89 -7.10 17.68 -12.10
C1 BDF B . -3.57 0.75 -13.45
C2 BDF B . -4.81 1.65 -13.37
C3 BDF B . -4.43 3.05 -12.87
C4 BDF B . -5.69 3.86 -12.56
C5 BDF B . -6.57 3.11 -11.58
C6 BDF B . -6.88 1.74 -12.15
O1 BDF B . -3.88 -0.56 -13.90
O2 BDF B . -5.43 1.78 -14.62
O3 BDF B . -3.63 3.70 -13.85
O4 BDF B . -5.33 5.15 -12.04
O5 BDF B . -5.90 2.91 -10.33
O6 BDF B . -5.68 1.02 -12.43
H11 BDF B . -3.09 0.69 -12.48
H12 BDF B . -2.85 1.23 -14.12
H3 BDF B . -3.85 2.93 -11.96
H4 BDF B . -6.23 4.08 -13.47
H5 BDF B . -7.49 3.66 -11.38
H61 BDF B . -7.51 1.82 -13.03
H62 BDF B . -7.39 1.08 -11.45
HO1 BDF B . -4.26 -0.46 -14.83
HO2 BDF B . -5.88 0.92 -14.83
HO3 BDF B . -4.16 3.72 -14.69
HO4 BDF B . -6.13 5.52 -11.59
HO5 BDF B . -6.54 2.52 -9.67
C1 BDF C . 4.04 -10.22 -1.17
C2 BDF C . 3.70 -9.11 -2.16
C3 BDF C . 4.34 -7.77 -1.77
C4 BDF C . 3.81 -6.66 -2.66
C5 BDF C . 2.29 -6.62 -2.54
C6 BDF C . 1.73 -7.97 -2.93
O1 BDF C . 3.75 -11.47 -1.75
O2 BDF C . 4.11 -9.44 -3.45
O3 BDF C . 5.77 -7.84 -1.86
O4 BDF C . 4.40 -5.43 -2.29
O5 BDF C . 1.89 -6.36 -1.20
O6 BDF C . 2.28 -9.00 -2.09
H11 BDF C . 3.47 -10.08 -0.26
H12 BDF C . 5.09 -10.11 -0.90
H3 BDF C . 4.07 -7.56 -0.73
H4 BDF C . 4.12 -6.83 -3.70
H5 BDF C . 1.88 -5.83 -3.17
H61 BDF C . 1.90 -8.18 -3.99
H62 BDF C . 0.67 -8.06 -2.75
HO1 BDF C . 2.80 -11.45 -1.99
HO2 BDF C . 3.85 -10.38 -3.63
HO3 BDF C . 6.10 -8.20 -1.00
HO4 BDF C . 5.36 -5.58 -2.11
HO5 BDF C . 2.34 -5.53 -0.89
C ACT D . 11.73 12.11 15.52
O ACT D . 11.87 10.91 15.80
OXT ACT D . 12.02 12.43 14.36
CH3 ACT D . 11.28 13.09 16.55
H1 ACT D . 11.25 14.09 16.11
H2 ACT D . 11.97 13.08 17.39
H3 ACT D . 10.28 12.82 16.90
ZN ZN E . 12.21 10.64 14.10
ZN ZN F . 4.38 11.96 19.72
N01 QQ7 G . 5.73 -16.89 3.51
C01 QQ7 G . 6.54 -17.44 2.45
C02 QQ7 G . 5.82 -18.76 2.08
N02 QQ7 G . 7.86 -17.87 2.85
N03 QQ7 G . 4.64 -18.74 2.94
N04 QQ7 G . 6.80 -19.77 2.40
C03 QQ7 G . 3.53 -19.62 2.78
C04 QQ7 G . 5.91 -15.58 4.10
C05 QQ7 G . 4.64 -17.66 3.78
C06 QQ7 G . 6.70 -21.15 1.98
C07 QQ7 G . 8.99 -16.98 3.04
C08 QQ7 G . 7.97 -19.24 2.86
O01 QQ7 G . 3.75 -17.38 4.57
O02 QQ7 G . 8.96 -19.86 3.17
N05 QQ7 G . 3.71 -20.92 3.36
N06 QQ7 G . 5.85 -21.99 2.79
C09 QQ7 G . 4.40 -22.02 2.71
C10 QQ7 G . 3.11 -21.31 4.53
C11 QQ7 G . 6.34 -23.04 3.52
O03 QQ7 G . 7.53 -23.30 3.69
N07 QQ7 G . 5.29 -23.81 3.94
O04 QQ7 G . 2.48 -20.59 5.28
N08 QQ7 G . 3.25 -22.66 4.66
C12 QQ7 G . 4.01 -23.26 3.57
C13 QQ7 G . 5.47 -25.13 4.50
C14 QQ7 G . 2.53 -23.43 5.66
N09 QQ7 G . 3.36 -23.98 6.71
N10 QQ7 G . 5.33 -25.21 5.94
N11 QQ7 G . 6.95 -15.52 5.11
N12 QQ7 G . 9.08 -16.45 4.37
C15 QQ7 G . 4.06 -25.25 6.63
C16 QQ7 G . 6.39 -25.43 6.78
C17 QQ7 G . 3.39 -23.46 7.98
O05 QQ7 G . 7.56 -25.51 6.44
N13 QQ7 G . 5.90 -25.64 8.04
O06 QQ7 G . 2.92 -22.39 8.32
N14 QQ7 G . 3.96 -24.38 8.82
C18 QQ7 G . 4.46 -25.54 8.10
C19 QQ7 G . 8.35 -15.28 4.84
C20 QQ7 G . 6.66 -15.51 6.45
C21 QQ7 G . 9.99 -16.90 5.29
O07 QQ7 G . 10.68 -17.88 5.17
N15 QQ7 G . 9.97 -16.05 6.36
O08 QQ7 G . 5.57 -15.67 6.94
N16 QQ7 G . 7.81 -15.20 7.14
C22 QQ7 G . 8.95 -15.03 6.25
N17 QQ7 G . 10.67 -16.49 8.66
N18 QQ7 G . 8.48 -15.69 9.44
C23 QQ7 G . 11.19 -17.63 9.21
C24 QQ7 G . 9.92 -15.70 9.61
C25 QQ7 G . 7.82 -16.35 10.43
O09 QQ7 G . 6.62 -16.51 10.53
N19 QQ7 G . 8.75 -16.76 11.36
O10 QQ7 G . 11.92 -18.43 8.63
N20 QQ7 G . 10.88 -17.66 10.54
C26 QQ7 G . 8.39 -17.28 12.65
C27 QQ7 G . 10.11 -16.49 10.93
C28 QQ7 G . 11.40 -18.66 11.45
N21 QQ7 G . 8.37 -18.72 12.74
N22 QQ7 G . 10.44 -19.68 11.86
C29 QQ7 G . 7.21 -19.44 12.73
C30 QQ7 G . 9.54 -19.54 12.97
C31 QQ7 G . 10.40 -20.93 11.30
O11 QQ7 G . 11.08 -21.31 10.36
N23 QQ7 G . 9.54 -21.70 12.02
O12 QQ7 G . 6.09 -18.99 12.60
N24 QQ7 G . 7.51 -20.74 13.03
C32 QQ7 G . 9.50 -23.14 11.89
C33 QQ7 G . 6.50 -21.71 13.38
C34 QQ7 G . 8.94 -20.97 13.12
N25 QQ7 G . 6.27 -22.69 12.35
N26 QQ7 G . 8.26 -23.70 11.36
C35 QQ7 G . 5.14 -22.66 11.56
C36 QQ7 G . 7.05 -23.87 12.15
C37 QQ7 G . 8.22 -24.41 10.20
O13 QQ7 G . 9.16 -24.54 9.41
N27 QQ7 G . 7.02 -25.06 10.12
O QQ7 G . 4.36 -21.74 11.45
N QQ7 G . 5.04 -23.88 10.94
C38 QQ7 G . 6.16 -24.75 11.25
C39 QQ7 G . 11.05 -16.02 7.34
C40 QQ7 G . 7.79 -14.80 8.53
C41 QQ7 G . 3.84 -24.30 10.25
C QQ7 G . 6.74 -26.08 9.14
H1 QQ7 G . 6.61 -16.74 1.62
H2 QQ7 G . 5.53 -18.82 1.04
H3 QQ7 G . 3.31 -19.74 1.72
H4 QQ7 G . 2.64 -19.16 3.22
H5 QQ7 G . 6.17 -14.88 3.31
H6 QQ7 G . 4.97 -15.24 4.52
H7 QQ7 G . 7.69 -21.59 1.95
H8 QQ7 G . 6.32 -21.17 0.96
H9 QQ7 G . 9.90 -17.52 2.81
H10 QQ7 G . 8.90 -16.16 2.34
H11 QQ7 G . 4.08 -22.10 1.67
H12 QQ7 G . 3.41 -23.98 3.04
H13 QQ7 G . 4.75 -25.81 4.05
H14 QQ7 G . 6.46 -25.50 4.22
H15 QQ7 G . 1.76 -22.81 6.10
H16 QQ7 G . 2.03 -24.26 5.16
H17 QQ7 G . 3.41 -26.01 6.19
H18 QQ7 G . 4.02 -26.45 8.51
H19 QQ7 G . 8.48 -14.44 4.15
H20 QQ7 G . 9.38 -14.04 6.38
H21 QQ7 G . 10.31 -14.69 9.65
H22 QQ7 G . 9.11 -16.90 13.38
H23 QQ7 G . 7.42 -16.89 12.94
H24 QQ7 G . 10.64 -15.93 11.71
H25 QQ7 G . 12.26 -19.14 11.00
H26 QQ7 G . 11.75 -18.15 12.35
H27 QQ7 G . 10.07 -19.20 13.86
H28 QQ7 G . 9.67 -23.59 12.87
H29 QQ7 G . 10.32 -23.47 11.25
H30 QQ7 G . 5.58 -21.20 13.62
H31 QQ7 G . 6.82 -22.23 14.29
H32 QQ7 G . 9.18 -21.45 14.07
H33 QQ7 G . 7.30 -24.34 13.11
H34 QQ7 G . 5.80 -25.67 11.72
H35 QQ7 G . 11.87 -16.62 6.97
H36 QQ7 G . 11.41 -15.00 7.42
H37 QQ7 G . 8.24 -13.81 8.61
H38 QQ7 G . 6.76 -14.69 8.85
H39 QQ7 G . 3.03 -23.62 10.51
H40 QQ7 G . 3.55 -25.29 10.63
H41 QQ7 G . 6.25 -26.92 9.63
H42 QQ7 G . 7.68 -26.46 8.74
NA NA H . 11.45 -19.66 3.62
NA NA I . 13.53 -16.50 5.18
#